data_7CKA
#
_entry.id   7CKA
#
_cell.length_a   37.748
_cell.length_b   45.649
_cell.length_c   72.767
_cell.angle_alpha   90.000
_cell.angle_beta   101.160
_cell.angle_gamma   90.000
#
_symmetry.space_group_name_H-M   'P 1 21 1'
#
loop_
_entity.id
_entity.type
_entity.pdbx_description
1 polymer 'Heme oxygenase 1'
2 non-polymer 'CITRIC ACID'
3 non-polymer 'PROTOPORPHYRIN IX CONTAINING FE'
4 water water
#
_entity_poly.entity_id   1
_entity_poly.type   'polypeptide(L)'
_entity_poly.pdbx_seq_one_letter_code
;MSAATAETPKKKGESKGFVEEMRFVAMRLHTRDQAREGEKEVKQPEEKAVTKWDPSVEGYLKFLVDSKLVYDTLEKIVQE
APHPSYAEFRNTGLERSASLAEDLEWFKEQGYTIPEPSSPGLTYAQYLKELSVKDPQAFICHFYNIYFAHSAGGRMIGKK
VAEKLLNNKALEFYKWDDDLPRLLQNVRDKLNKVAEPWSREEKDHCLEETEKSFKLSGEILRLILS
;
_entity_poly.pdbx_strand_id   A
#
# COMPACT_ATOMS: atom_id res chain seq x y z
N LYS A 16 -11.63 -22.49 3.29
CA LYS A 16 -11.75 -21.18 3.96
C LYS A 16 -10.88 -20.11 3.31
N GLY A 17 -11.27 -18.83 3.39
CA GLY A 17 -10.85 -17.83 2.42
C GLY A 17 -9.42 -17.41 2.71
N PHE A 18 -8.63 -17.40 1.66
CA PHE A 18 -7.15 -17.19 1.86
C PHE A 18 -6.92 -15.74 2.22
N VAL A 19 -7.80 -14.81 1.81
N VAL A 19 -7.83 -14.83 1.86
CA VAL A 19 -7.51 -13.40 2.18
CA VAL A 19 -7.61 -13.40 2.16
C VAL A 19 -7.48 -13.23 3.70
C VAL A 19 -7.65 -13.12 3.66
N GLU A 20 -8.32 -13.99 4.40
CA GLU A 20 -8.28 -13.91 5.86
C GLU A 20 -6.91 -14.29 6.39
N GLU A 21 -6.25 -15.25 5.79
CA GLU A 21 -4.90 -15.62 6.18
C GLU A 21 -3.92 -14.48 5.89
N MET A 22 -4.11 -13.82 4.76
N MET A 22 -4.00 -13.82 4.73
CA MET A 22 -3.28 -12.71 4.33
CA MET A 22 -3.08 -12.73 4.44
C MET A 22 -3.39 -11.55 5.32
C MET A 22 -3.34 -11.60 5.45
N ARG A 23 -4.61 -11.30 5.77
CA ARG A 23 -4.86 -10.20 6.68
C ARG A 23 -4.26 -10.51 8.05
N PHE A 24 -4.34 -11.76 8.51
CA PHE A 24 -3.80 -12.09 9.84
C PHE A 24 -2.31 -11.78 9.92
N VAL A 25 -1.58 -12.21 8.86
N VAL A 25 -1.56 -12.13 8.86
CA VAL A 25 -0.16 -11.95 8.87
CA VAL A 25 -0.11 -11.93 8.88
C VAL A 25 0.10 -10.44 8.80
C VAL A 25 0.26 -10.47 8.62
N ALA A 26 -0.59 -9.73 7.89
CA ALA A 26 -0.36 -8.26 7.81
C ALA A 26 -0.59 -7.58 9.18
N MET A 27 -1.70 -7.98 9.87
CA MET A 27 -1.97 -7.20 11.11
C MET A 27 -0.88 -7.40 12.15
N ARG A 28 -0.35 -8.63 12.30
CA ARG A 28 0.61 -8.84 13.35
C ARG A 28 1.88 -8.09 13.07
N LEU A 29 2.10 -7.69 11.79
CA LEU A 29 3.29 -6.91 11.45
C LEU A 29 3.13 -5.41 11.61
N HIS A 30 1.91 -4.97 11.95
CA HIS A 30 1.75 -3.55 12.36
C HIS A 30 2.29 -3.37 13.76
N THR A 31 2.63 -2.14 14.14
CA THR A 31 2.87 -1.84 15.56
C THR A 31 1.54 -1.61 16.23
N ARG A 32 1.54 -1.88 17.57
CA ARG A 32 0.32 -1.53 18.34
C ARG A 32 0.11 -0.03 18.32
N ASP A 33 1.06 0.83 18.00
N ASP A 33 1.22 0.73 18.29
CA ASP A 33 0.82 2.26 17.74
CA ASP A 33 1.03 2.19 18.47
C ASP A 33 0.16 2.52 16.37
C ASP A 33 0.18 2.67 17.30
N GLN A 34 0.32 1.64 15.40
N GLN A 34 0.23 1.98 16.15
CA GLN A 34 -0.39 1.84 14.14
CA GLN A 34 -0.55 2.43 15.00
C GLN A 34 -1.84 1.34 14.21
C GLN A 34 -1.80 1.62 14.71
N ALA A 35 -2.04 0.36 15.08
CA ALA A 35 -3.24 -0.40 14.88
C ALA A 35 -3.61 -1.22 16.10
N ARG A 36 -4.86 -1.30 16.43
CA ARG A 36 -5.31 -2.07 17.60
C ARG A 36 -4.82 -3.50 17.52
N GLU A 37 -4.81 -4.14 16.34
N GLU A 37 -4.69 -3.99 16.30
CA GLU A 37 -4.37 -5.54 16.24
CA GLU A 37 -4.34 -5.38 16.05
C GLU A 37 -2.86 -5.67 16.05
C GLU A 37 -2.85 -5.62 15.93
N GLY A 38 -2.08 -4.53 16.01
CA GLY A 38 -0.64 -4.62 15.76
C GLY A 38 0.10 -5.25 16.92
N GLU A 39 1.20 -6.00 16.57
N GLU A 39 1.18 -5.97 16.67
CA GLU A 39 1.95 -6.57 17.70
CA GLU A 39 2.05 -6.66 17.61
C GLU A 39 3.39 -6.08 17.86
C GLU A 39 3.52 -6.28 17.51
N LYS A 40 3.84 -5.16 16.99
N LYS A 40 3.97 -5.81 16.34
CA LYS A 40 5.24 -4.73 16.97
CA LYS A 40 5.38 -5.53 16.07
C LYS A 40 5.43 -3.51 17.87
C LYS A 40 5.99 -4.49 16.99
N GLU A 41 6.63 -3.36 18.39
N GLU A 41 7.27 -4.65 17.30
CA GLU A 41 7.16 -2.16 19.00
CA GLU A 41 7.93 -3.59 18.10
C GLU A 41 7.54 -1.10 17.98
C GLU A 41 8.12 -2.34 17.26
N VAL A 42 7.39 0.16 18.31
N VAL A 42 7.97 -1.15 17.85
CA VAL A 42 7.94 1.20 17.43
CA VAL A 42 8.26 0.10 17.15
C VAL A 42 9.46 1.19 17.33
C VAL A 42 9.72 0.45 16.97
N LYS A 43 10.01 1.00 16.14
N LYS A 43 10.17 0.96 15.82
CA LYS A 43 11.40 0.95 15.70
CA LYS A 43 11.62 1.24 15.75
C LYS A 43 11.79 1.94 14.61
C LYS A 43 11.89 2.60 15.16
N GLN A 44 10.97 2.19 13.60
N GLN A 44 10.90 3.17 14.46
CA GLN A 44 11.21 3.25 12.60
CA GLN A 44 11.23 4.41 13.75
C GLN A 44 10.20 4.38 12.72
C GLN A 44 10.07 5.39 13.81
N PRO A 45 10.42 5.55 12.13
N PRO A 45 10.32 6.66 13.60
CA PRO A 45 9.54 6.71 12.29
CA PRO A 45 9.21 7.64 13.71
C PRO A 45 8.10 6.41 11.87
C PRO A 45 8.03 7.29 12.84
N GLU A 46 7.90 5.67 10.78
N GLU A 46 8.24 6.71 11.67
CA GLU A 46 6.54 5.55 10.29
CA GLU A 46 7.08 6.43 10.82
C GLU A 46 5.73 4.55 11.12
C GLU A 46 6.24 5.29 11.39
N GLU A 47 6.38 4.02 12.14
N GLU A 47 6.74 4.54 12.35
CA GLU A 47 5.76 3.07 13.06
CA GLU A 47 5.99 3.40 12.88
C GLU A 47 5.20 3.72 14.33
C GLU A 47 5.25 3.76 14.17
N LYS A 48 5.49 5.00 14.60
CA LYS A 48 4.74 5.60 15.73
C LYS A 48 3.34 6.02 15.34
N ALA A 49 2.45 6.24 16.33
CA ALA A 49 1.14 6.71 16.02
C ALA A 49 1.11 7.95 15.13
N VAL A 50 0.27 7.96 14.13
CA VAL A 50 0.32 9.02 13.11
C VAL A 50 0.07 10.39 13.72
N THR A 51 -0.72 10.50 14.78
N THR A 51 -0.70 10.48 14.78
CA THR A 51 -0.95 11.78 15.44
CA THR A 51 -0.95 11.77 15.42
C THR A 51 0.36 12.42 15.83
C THR A 51 0.31 12.40 15.99
N LYS A 52 1.35 11.63 16.20
CA LYS A 52 2.64 12.12 16.68
C LYS A 52 3.57 12.51 15.54
N TRP A 53 3.21 12.22 14.30
CA TRP A 53 4.12 12.53 13.20
C TRP A 53 4.41 14.02 13.02
N ASP A 54 5.60 14.25 12.51
CA ASP A 54 6.03 15.60 12.05
C ASP A 54 6.31 15.57 10.55
N PRO A 55 5.28 15.62 9.70
CA PRO A 55 5.47 15.50 8.25
C PRO A 55 5.87 16.81 7.66
N SER A 56 6.34 16.77 6.41
CA SER A 56 6.58 18.02 5.64
C SER A 56 5.90 17.87 4.29
N VAL A 57 5.64 19.00 3.61
CA VAL A 57 5.03 18.88 2.27
C VAL A 57 6.06 18.31 1.33
N GLU A 58 7.32 18.72 1.44
CA GLU A 58 8.40 18.19 0.60
C GLU A 58 8.42 16.66 0.71
N GLY A 59 8.35 16.12 1.93
CA GLY A 59 8.44 14.68 2.17
C GLY A 59 7.19 14.02 1.63
N TYR A 60 6.02 14.63 1.90
CA TYR A 60 4.77 14.07 1.40
C TYR A 60 4.75 13.99 -0.13
N LEU A 61 5.31 14.99 -0.81
CA LEU A 61 5.34 14.94 -2.28
C LEU A 61 6.23 13.80 -2.74
N LYS A 62 7.38 13.54 -2.06
CA LYS A 62 8.17 12.36 -2.45
C LYS A 62 7.36 11.10 -2.30
N PHE A 63 6.64 11.00 -1.17
CA PHE A 63 5.77 9.84 -0.92
C PHE A 63 4.72 9.68 -2.01
N LEU A 64 4.06 10.77 -2.41
CA LEU A 64 3.02 10.65 -3.44
C LEU A 64 3.59 10.25 -4.80
N VAL A 65 4.76 10.82 -5.17
CA VAL A 65 5.40 10.46 -6.47
C VAL A 65 5.84 9.02 -6.44
N ASP A 66 6.49 8.57 -5.32
CA ASP A 66 6.93 7.18 -5.28
C ASP A 66 5.77 6.21 -5.24
N SER A 67 4.69 6.60 -4.54
CA SER A 67 3.45 5.78 -4.52
C SER A 67 2.92 5.65 -5.94
N LYS A 68 2.87 6.82 -6.64
CA LYS A 68 2.34 6.75 -8.02
C LYS A 68 3.16 5.78 -8.88
N LEU A 69 4.46 5.78 -8.72
CA LEU A 69 5.25 4.84 -9.53
C LEU A 69 4.86 3.42 -9.22
N VAL A 70 4.66 3.08 -7.92
CA VAL A 70 4.23 1.73 -7.58
C VAL A 70 2.86 1.43 -8.15
N TYR A 71 1.87 2.33 -8.02
CA TYR A 71 0.56 2.03 -8.57
C TYR A 71 0.59 1.93 -10.09
N ASP A 72 1.39 2.78 -10.76
CA ASP A 72 1.51 2.63 -12.22
C ASP A 72 2.05 1.29 -12.58
N THR A 73 3.06 0.81 -11.77
CA THR A 73 3.64 -0.51 -12.04
C THR A 73 2.61 -1.62 -11.86
N LEU A 74 1.83 -1.57 -10.78
CA LEU A 74 0.79 -2.58 -10.58
C LEU A 74 -0.26 -2.56 -11.67
N GLU A 75 -0.60 -1.38 -12.15
CA GLU A 75 -1.60 -1.31 -13.24
C GLU A 75 -1.02 -1.93 -14.53
N LYS A 76 0.24 -1.66 -14.83
CA LYS A 76 0.86 -2.24 -16.04
C LYS A 76 0.92 -3.74 -15.90
N ILE A 77 1.25 -4.29 -14.73
CA ILE A 77 1.40 -5.75 -14.61
C ILE A 77 0.09 -6.43 -14.85
N VAL A 78 -1.04 -5.91 -14.29
CA VAL A 78 -2.29 -6.62 -14.50
C VAL A 78 -2.79 -6.46 -15.93
N GLN A 79 -2.41 -5.38 -16.59
CA GLN A 79 -2.82 -5.26 -18.03
C GLN A 79 -2.02 -6.21 -18.87
N GLU A 80 -0.68 -6.28 -18.66
CA GLU A 80 0.12 -7.19 -19.47
C GLU A 80 -0.14 -8.61 -19.12
N ALA A 81 -0.45 -8.95 -17.85
CA ALA A 81 -0.80 -10.26 -17.38
C ALA A 81 0.13 -11.37 -17.84
N PRO A 82 1.41 -11.32 -17.46
CA PRO A 82 2.34 -12.42 -17.85
C PRO A 82 1.91 -13.75 -17.28
N HIS A 83 1.14 -13.76 -16.19
CA HIS A 83 0.37 -14.94 -15.78
C HIS A 83 -1.11 -14.62 -15.94
N PRO A 84 -1.91 -15.49 -16.55
CA PRO A 84 -3.28 -15.11 -16.91
C PRO A 84 -4.15 -14.77 -15.69
N SER A 85 -3.89 -15.31 -14.51
CA SER A 85 -4.73 -14.93 -13.34
C SER A 85 -4.65 -13.45 -13.02
N TYR A 86 -3.54 -12.79 -13.43
CA TYR A 86 -3.46 -11.33 -13.10
C TYR A 86 -4.55 -10.56 -13.81
N ALA A 87 -5.03 -11.01 -14.94
CA ALA A 87 -6.06 -10.26 -15.67
C ALA A 87 -7.35 -10.16 -14.87
N GLU A 88 -7.56 -11.04 -13.88
CA GLU A 88 -8.75 -10.95 -13.04
C GLU A 88 -8.77 -9.65 -12.23
N PHE A 89 -7.62 -9.00 -12.11
CA PHE A 89 -7.48 -7.84 -11.22
C PHE A 89 -7.39 -6.56 -12.03
N ARG A 90 -7.75 -6.60 -13.35
CA ARG A 90 -7.89 -5.36 -14.10
C ARG A 90 -9.17 -4.62 -13.69
N ASN A 91 -9.09 -3.28 -13.63
CA ASN A 91 -10.26 -2.47 -13.43
C ASN A 91 -11.08 -2.89 -12.21
N THR A 92 -10.44 -2.91 -11.05
CA THR A 92 -11.15 -3.24 -9.81
C THR A 92 -11.90 -2.05 -9.22
N GLY A 93 -11.54 -0.84 -9.64
CA GLY A 93 -12.05 0.37 -8.99
C GLY A 93 -11.14 0.85 -7.85
N LEU A 94 -10.12 0.10 -7.50
CA LEU A 94 -9.20 0.57 -6.45
C LEU A 94 -7.96 1.28 -7.04
N GLU A 95 -7.87 1.34 -8.39
CA GLU A 95 -6.64 1.94 -8.98
C GLU A 95 -6.47 3.36 -8.57
N ARG A 96 -5.23 3.76 -8.30
CA ARG A 96 -4.93 5.03 -7.72
C ARG A 96 -4.11 5.96 -8.61
N SER A 97 -3.60 5.48 -9.77
N SER A 97 -3.61 5.49 -9.78
CA SER A 97 -2.74 6.34 -10.57
CA SER A 97 -2.69 6.38 -10.50
C SER A 97 -3.40 7.68 -10.92
C SER A 97 -3.37 7.65 -11.01
N ALA A 98 -4.63 7.55 -11.46
CA ALA A 98 -5.30 8.78 -11.93
C ALA A 98 -5.55 9.77 -10.81
N SER A 99 -5.89 9.28 -9.63
N SER A 99 -5.96 9.31 -9.64
CA SER A 99 -6.15 10.12 -8.46
CA SER A 99 -6.13 10.25 -8.53
C SER A 99 -4.87 10.83 -8.03
C SER A 99 -4.81 10.92 -8.22
N LEU A 100 -3.74 10.12 -8.10
CA LEU A 100 -2.43 10.72 -7.74
C LEU A 100 -2.02 11.78 -8.77
N ALA A 101 -2.30 11.49 -10.06
CA ALA A 101 -1.95 12.52 -11.07
C ALA A 101 -2.73 13.81 -10.78
N GLU A 102 -4.01 13.66 -10.42
CA GLU A 102 -4.81 14.86 -10.09
C GLU A 102 -4.22 15.58 -8.92
N ASP A 103 -3.82 14.85 -7.87
CA ASP A 103 -3.33 15.53 -6.70
C ASP A 103 -1.97 16.20 -6.94
N LEU A 104 -1.10 15.56 -7.72
CA LEU A 104 0.19 16.21 -8.05
C LEU A 104 -0.06 17.46 -8.82
N GLU A 105 -1.06 17.47 -9.72
CA GLU A 105 -1.36 18.73 -10.44
C GLU A 105 -1.88 19.79 -9.48
N TRP A 106 -2.66 19.43 -8.46
CA TRP A 106 -3.09 20.41 -7.45
C TRP A 106 -1.89 21.00 -6.74
N PHE A 107 -0.91 20.17 -6.32
CA PHE A 107 0.27 20.74 -5.72
C PHE A 107 1.05 21.64 -6.70
N LYS A 108 1.14 21.27 -7.97
CA LYS A 108 1.82 22.15 -8.94
C LYS A 108 1.13 23.50 -9.03
N GLU A 109 -0.23 23.50 -9.02
CA GLU A 109 -0.99 24.74 -9.13
C GLU A 109 -0.79 25.60 -7.90
N GLN A 110 -0.49 24.97 -6.78
CA GLN A 110 -0.17 25.74 -5.55
C GLN A 110 1.28 26.21 -5.52
N GLY A 111 2.09 25.92 -6.56
N GLY A 111 2.07 25.91 -6.57
CA GLY A 111 3.47 26.47 -6.45
CA GLY A 111 3.45 26.44 -6.51
C GLY A 111 4.52 25.51 -5.96
C GLY A 111 4.53 25.42 -6.26
N TYR A 112 4.19 24.23 -5.74
CA TYR A 112 5.22 23.30 -5.28
C TYR A 112 5.91 22.65 -6.46
N THR A 113 7.17 22.30 -6.19
CA THR A 113 7.93 21.48 -7.18
C THR A 113 7.60 20.01 -7.00
N ILE A 114 7.30 19.30 -8.07
CA ILE A 114 7.07 17.87 -8.00
C ILE A 114 8.39 17.15 -8.18
N PRO A 115 8.80 16.34 -7.21
CA PRO A 115 10.15 15.72 -7.24
C PRO A 115 10.18 14.56 -8.21
N GLU A 116 11.36 14.15 -8.60
CA GLU A 116 11.52 12.90 -9.32
C GLU A 116 11.31 11.69 -8.41
N PRO A 117 10.97 10.51 -8.92
CA PRO A 117 10.90 9.32 -8.03
C PRO A 117 12.19 9.12 -7.26
N SER A 118 12.01 8.77 -5.99
CA SER A 118 13.14 8.50 -5.06
C SER A 118 13.46 7.02 -5.03
N SER A 119 14.51 6.63 -4.31
N SER A 119 14.51 6.62 -4.31
CA SER A 119 14.93 5.24 -4.35
CA SER A 119 14.95 5.23 -4.21
C SER A 119 13.85 4.31 -3.79
C SER A 119 13.81 4.31 -3.78
N PRO A 120 13.07 4.65 -2.73
CA PRO A 120 12.04 3.67 -2.28
C PRO A 120 11.06 3.30 -3.39
N GLY A 121 10.55 4.26 -4.16
CA GLY A 121 9.60 3.87 -5.22
C GLY A 121 10.31 3.15 -6.37
N LEU A 122 11.53 3.63 -6.74
CA LEU A 122 12.23 2.95 -7.84
C LEU A 122 12.53 1.50 -7.47
N THR A 123 12.96 1.29 -6.21
CA THR A 123 13.30 -0.06 -5.74
C THR A 123 12.07 -0.95 -5.73
N TYR A 124 10.95 -0.43 -5.21
CA TYR A 124 9.75 -1.30 -5.10
C TYR A 124 9.24 -1.61 -6.50
N ALA A 125 9.21 -0.59 -7.38
CA ALA A 125 8.70 -0.85 -8.72
C ALA A 125 9.52 -1.91 -9.44
N GLN A 126 10.85 -1.85 -9.31
CA GLN A 126 11.66 -2.87 -9.97
C GLN A 126 11.37 -4.25 -9.42
N TYR A 127 11.23 -4.33 -8.10
CA TYR A 127 11.02 -5.65 -7.47
C TYR A 127 9.68 -6.23 -7.89
N LEU A 128 8.63 -5.40 -7.96
CA LEU A 128 7.33 -5.89 -8.39
C LEU A 128 7.34 -6.43 -9.79
N LYS A 129 8.04 -5.70 -10.67
CA LYS A 129 8.09 -6.22 -12.06
C LYS A 129 8.77 -7.59 -12.07
N GLU A 130 9.89 -7.74 -11.33
CA GLU A 130 10.58 -9.06 -11.31
C GLU A 130 9.66 -10.14 -10.79
N LEU A 131 9.01 -9.76 -9.71
N LEU A 131 9.01 -9.91 -9.63
CA LEU A 131 8.20 -10.77 -9.04
CA LEU A 131 8.16 -10.91 -9.01
C LEU A 131 7.04 -11.21 -9.90
C LEU A 131 7.05 -11.28 -10.00
N SER A 132 6.50 -10.26 -10.67
CA SER A 132 5.32 -10.53 -11.47
C SER A 132 5.59 -11.66 -12.47
N VAL A 133 6.85 -11.73 -12.97
CA VAL A 133 7.17 -12.75 -13.94
C VAL A 133 7.48 -14.08 -13.25
N LYS A 134 8.34 -14.04 -12.19
CA LYS A 134 8.88 -15.30 -11.68
C LYS A 134 8.02 -15.95 -10.56
N ASP A 135 7.16 -15.17 -9.89
CA ASP A 135 6.63 -15.68 -8.61
C ASP A 135 5.22 -15.12 -8.39
N PRO A 136 4.19 -15.71 -9.01
CA PRO A 136 2.82 -15.15 -8.89
C PRO A 136 2.33 -15.14 -7.47
N GLN A 137 2.65 -16.13 -6.67
CA GLN A 137 2.21 -16.12 -5.27
C GLN A 137 2.79 -14.95 -4.50
N ALA A 138 4.09 -14.70 -4.68
CA ALA A 138 4.67 -13.53 -3.99
C ALA A 138 4.07 -12.25 -4.55
N PHE A 139 3.86 -12.16 -5.85
CA PHE A 139 3.27 -10.93 -6.40
C PHE A 139 1.92 -10.67 -5.79
N ILE A 140 1.04 -11.67 -5.68
N ILE A 140 1.08 -11.68 -5.58
CA ILE A 140 -0.28 -11.50 -5.12
CA ILE A 140 -0.27 -11.33 -5.13
C ILE A 140 -0.20 -10.97 -3.70
C ILE A 140 -0.25 -10.99 -3.66
N CYS A 141 0.78 -11.40 -2.91
CA CYS A 141 0.92 -10.85 -1.55
C CYS A 141 1.06 -9.35 -1.60
N HIS A 142 1.96 -8.86 -2.50
CA HIS A 142 2.17 -7.41 -2.61
C HIS A 142 0.93 -6.70 -3.16
N PHE A 143 0.24 -7.29 -4.17
CA PHE A 143 -0.94 -6.65 -4.70
C PHE A 143 -1.93 -6.40 -3.54
N TYR A 144 -2.19 -7.46 -2.74
CA TYR A 144 -3.13 -7.30 -1.62
C TYR A 144 -2.63 -6.28 -0.63
N ASN A 145 -1.38 -6.41 -0.16
CA ASN A 145 -0.93 -5.49 0.90
C ASN A 145 -0.87 -4.08 0.45
N ILE A 146 -0.39 -3.79 -0.77
CA ILE A 146 -0.30 -2.41 -1.23
C ILE A 146 -1.70 -1.77 -1.32
N TYR A 147 -2.63 -2.44 -2.02
CA TYR A 147 -3.95 -1.80 -2.18
C TYR A 147 -4.67 -1.75 -0.86
N PHE A 148 -4.67 -2.81 -0.08
CA PHE A 148 -5.53 -2.86 1.15
C PHE A 148 -4.88 -2.06 2.25
N ALA A 149 -3.57 -1.87 2.26
CA ALA A 149 -3.00 -0.92 3.23
C ALA A 149 -3.61 0.44 3.01
N HIS A 150 -3.69 0.88 1.75
CA HIS A 150 -4.07 2.25 1.45
C HIS A 150 -5.49 2.56 1.88
N SER A 151 -6.43 1.64 1.62
CA SER A 151 -7.80 1.86 2.01
C SER A 151 -8.07 1.66 3.51
N ALA A 152 -7.08 1.27 4.28
CA ALA A 152 -7.18 1.16 5.73
C ALA A 152 -6.36 2.30 6.35
N GLY A 153 -5.17 2.06 6.86
CA GLY A 153 -4.37 3.14 7.42
C GLY A 153 -4.03 4.24 6.48
N GLY A 154 -3.95 3.99 5.16
CA GLY A 154 -3.59 5.06 4.21
C GLY A 154 -4.56 6.22 4.35
N ARG A 155 -5.83 5.93 4.56
CA ARG A 155 -6.83 7.00 4.67
C ARG A 155 -6.61 7.84 5.89
N MET A 156 -6.18 7.21 6.97
N MET A 156 -6.24 7.17 6.98
CA MET A 156 -6.01 7.97 8.21
CA MET A 156 -5.94 7.86 8.22
C MET A 156 -4.72 8.76 8.14
C MET A 156 -4.76 8.79 8.02
N ILE A 157 -3.67 8.23 7.46
CA ILE A 157 -2.51 9.03 7.15
C ILE A 157 -2.88 10.26 6.32
N GLY A 158 -3.66 10.06 5.25
CA GLY A 158 -4.02 11.20 4.41
C GLY A 158 -4.72 12.26 5.24
N LYS A 159 -5.67 11.83 6.09
CA LYS A 159 -6.47 12.85 6.83
C LYS A 159 -5.54 13.57 7.80
N LYS A 160 -4.66 12.87 8.53
CA LYS A 160 -3.83 13.56 9.51
C LYS A 160 -2.81 14.47 8.82
N VAL A 161 -2.22 14.02 7.71
CA VAL A 161 -1.27 14.88 7.00
C VAL A 161 -1.97 16.10 6.47
N ALA A 162 -3.22 15.95 5.98
CA ALA A 162 -3.90 17.14 5.48
C ALA A 162 -4.22 18.12 6.62
N GLU A 163 -4.50 17.61 7.81
CA GLU A 163 -4.76 18.46 8.97
C GLU A 163 -3.51 19.22 9.38
N LYS A 164 -2.36 18.50 9.41
CA LYS A 164 -1.11 19.11 9.89
C LYS A 164 -0.60 20.13 8.87
N LEU A 165 -0.73 19.84 7.55
CA LEU A 165 0.00 20.64 6.55
C LEU A 165 -0.89 21.28 5.51
N LEU A 166 -2.09 20.81 5.25
CA LEU A 166 -2.81 21.22 4.04
C LEU A 166 -4.10 21.95 4.39
N ASN A 167 -4.24 22.47 5.61
CA ASN A 167 -5.52 23.04 5.98
C ASN A 167 -6.70 22.15 5.61
N ASN A 168 -6.50 20.86 5.81
CA ASN A 168 -7.62 19.90 5.68
C ASN A 168 -8.04 19.63 4.24
N LYS A 169 -7.19 19.99 3.26
CA LYS A 169 -7.46 19.65 1.87
C LYS A 169 -7.75 18.15 1.76
N ALA A 170 -8.84 17.80 1.10
CA ALA A 170 -9.15 16.39 0.89
C ALA A 170 -8.74 15.98 -0.53
N LEU A 171 -7.60 15.27 -0.62
CA LEU A 171 -7.02 14.89 -1.91
C LEU A 171 -7.75 13.71 -2.55
N GLU A 172 -7.68 13.63 -3.88
CA GLU A 172 -8.35 12.57 -4.61
C GLU A 172 -7.82 11.16 -4.31
N PHE A 173 -6.55 11.08 -3.89
CA PHE A 173 -5.96 9.79 -3.56
C PHE A 173 -6.79 9.07 -2.50
N TYR A 174 -7.54 9.84 -1.70
CA TYR A 174 -8.33 9.24 -0.59
C TYR A 174 -9.82 9.28 -0.92
N LYS A 175 -10.19 9.33 -2.17
CA LYS A 175 -11.60 9.27 -2.59
C LYS A 175 -11.81 8.17 -3.63
N TRP A 176 -12.98 7.50 -3.66
CA TRP A 176 -13.32 6.46 -4.60
C TRP A 176 -14.65 6.75 -5.30
N ASP A 177 -14.80 6.33 -6.53
CA ASP A 177 -16.00 6.66 -7.30
C ASP A 177 -17.15 5.73 -6.97
N ASP A 178 -16.98 4.79 -6.09
CA ASP A 178 -18.00 3.82 -5.75
C ASP A 178 -17.82 3.43 -4.27
N ASP A 179 -18.82 2.78 -3.70
CA ASP A 179 -18.80 2.45 -2.25
C ASP A 179 -17.61 1.60 -1.95
N LEU A 180 -16.77 2.09 -1.04
CA LEU A 180 -15.47 1.39 -0.83
C LEU A 180 -15.70 0.05 -0.18
N PRO A 181 -16.59 -0.13 0.78
CA PRO A 181 -16.74 -1.51 1.36
C PRO A 181 -17.07 -2.56 0.28
N ARG A 182 -17.93 -2.19 -0.68
CA ARG A 182 -18.26 -3.16 -1.73
C ARG A 182 -17.11 -3.34 -2.67
N LEU A 183 -16.38 -2.25 -3.04
CA LEU A 183 -15.22 -2.44 -3.90
C LEU A 183 -14.20 -3.39 -3.24
N LEU A 184 -13.96 -3.18 -1.97
CA LEU A 184 -12.94 -4.02 -1.30
C LEU A 184 -13.40 -5.43 -1.23
N GLN A 185 -14.67 -5.66 -0.84
CA GLN A 185 -15.09 -7.05 -0.67
C GLN A 185 -15.07 -7.76 -1.99
N ASN A 186 -15.39 -7.09 -3.11
N ASN A 186 -15.42 -7.07 -3.09
CA ASN A 186 -15.37 -7.80 -4.38
CA ASN A 186 -15.33 -7.63 -4.42
C ASN A 186 -13.92 -8.14 -4.76
C ASN A 186 -13.92 -8.16 -4.70
N VAL A 187 -12.93 -7.31 -4.40
CA VAL A 187 -11.52 -7.71 -4.67
C VAL A 187 -11.09 -8.81 -3.73
N ARG A 188 -11.52 -8.78 -2.44
CA ARG A 188 -11.18 -9.92 -1.56
C ARG A 188 -11.72 -11.23 -2.14
N ASP A 189 -12.94 -11.19 -2.68
CA ASP A 189 -13.51 -12.44 -3.21
C ASP A 189 -12.75 -12.84 -4.48
N LYS A 190 -12.24 -11.90 -5.29
CA LYS A 190 -11.41 -12.27 -6.43
C LYS A 190 -10.12 -12.90 -6.00
N LEU A 191 -9.51 -12.37 -4.92
CA LEU A 191 -8.27 -12.93 -4.39
C LEU A 191 -8.53 -14.33 -3.83
N ASN A 192 -9.66 -14.50 -3.12
CA ASN A 192 -9.97 -15.85 -2.63
C ASN A 192 -10.08 -16.80 -3.84
N LYS A 193 -10.67 -16.32 -4.93
CA LYS A 193 -10.85 -17.25 -6.10
C LYS A 193 -9.52 -17.58 -6.73
N VAL A 194 -8.61 -16.59 -6.85
N VAL A 194 -8.62 -16.58 -6.85
CA VAL A 194 -7.29 -16.91 -7.49
CA VAL A 194 -7.28 -16.82 -7.45
C VAL A 194 -6.43 -17.83 -6.64
C VAL A 194 -6.55 -17.88 -6.65
N ALA A 195 -6.67 -17.81 -5.32
CA ALA A 195 -5.90 -18.71 -4.46
C ALA A 195 -6.55 -20.06 -4.27
N GLU A 196 -7.82 -20.21 -4.65
CA GLU A 196 -8.44 -21.51 -4.31
C GLU A 196 -7.74 -22.68 -4.96
N PRO A 197 -7.28 -22.64 -6.21
CA PRO A 197 -6.51 -23.78 -6.72
C PRO A 197 -5.10 -23.93 -6.19
N TRP A 198 -4.58 -22.98 -5.44
CA TRP A 198 -3.20 -23.06 -4.95
C TRP A 198 -3.09 -24.19 -3.94
N SER A 199 -1.86 -24.76 -3.98
CA SER A 199 -1.53 -25.72 -2.92
C SER A 199 -1.27 -25.00 -1.58
N ARG A 200 -1.20 -25.82 -0.52
N ARG A 200 -1.17 -25.78 -0.48
CA ARG A 200 -0.81 -25.26 0.79
CA ARG A 200 -0.82 -25.14 0.80
C ARG A 200 0.55 -24.60 0.70
C ARG A 200 0.61 -24.62 0.79
N GLU A 201 1.50 -25.23 -0.01
CA GLU A 201 2.82 -24.66 -0.14
C GLU A 201 2.81 -23.35 -0.88
N GLU A 202 2.00 -23.19 -1.92
CA GLU A 202 1.90 -21.91 -2.60
C GLU A 202 1.30 -20.82 -1.69
N LYS A 203 0.22 -21.20 -0.94
CA LYS A 203 -0.35 -20.26 0.01
C LYS A 203 0.69 -19.82 1.04
N ASP A 204 1.43 -20.80 1.59
CA ASP A 204 2.43 -20.44 2.58
C ASP A 204 3.49 -19.53 2.01
N HIS A 205 3.93 -19.79 0.76
CA HIS A 205 4.93 -18.93 0.13
C HIS A 205 4.43 -17.50 -0.02
N CYS A 206 3.16 -17.36 -0.42
CA CYS A 206 2.55 -16.02 -0.45
C CYS A 206 2.62 -15.32 0.94
N LEU A 207 2.16 -16.09 1.99
CA LEU A 207 2.19 -15.48 3.35
C LEU A 207 3.58 -15.05 3.76
N GLU A 208 4.60 -15.83 3.39
CA GLU A 208 5.98 -15.55 3.82
C GLU A 208 6.54 -14.33 3.16
N GLU A 209 5.90 -13.80 2.10
CA GLU A 209 6.38 -12.61 1.43
C GLU A 209 5.92 -11.35 2.12
N THR A 210 5.05 -11.45 3.16
CA THR A 210 4.44 -10.25 3.67
C THR A 210 5.48 -9.33 4.31
N GLU A 211 6.49 -9.86 5.03
CA GLU A 211 7.47 -8.98 5.65
C GLU A 211 8.14 -8.07 4.61
N LYS A 212 8.43 -8.65 3.41
CA LYS A 212 9.11 -7.79 2.38
C LYS A 212 8.20 -6.72 1.88
N SER A 213 6.87 -7.04 1.71
CA SER A 213 5.95 -5.94 1.36
C SER A 213 5.92 -4.84 2.41
N PHE A 214 5.89 -5.22 3.69
CA PHE A 214 5.94 -4.19 4.74
C PHE A 214 7.24 -3.37 4.70
N LYS A 215 8.37 -4.05 4.42
CA LYS A 215 9.61 -3.31 4.38
C LYS A 215 9.62 -2.28 3.25
N LEU A 216 9.27 -2.76 2.02
CA LEU A 216 9.38 -1.85 0.86
C LEU A 216 8.32 -0.77 0.95
N SER A 217 7.12 -1.06 1.40
N SER A 217 7.14 -1.11 1.44
CA SER A 217 6.08 -0.04 1.56
CA SER A 217 6.07 -0.11 1.53
C SER A 217 6.51 0.97 2.62
C SER A 217 6.38 0.87 2.66
N GLY A 218 7.04 0.42 3.73
CA GLY A 218 7.41 1.27 4.84
C GLY A 218 8.47 2.28 4.42
N GLU A 219 9.38 1.88 3.52
CA GLU A 219 10.41 2.84 3.08
C GLU A 219 9.79 3.97 2.27
N ILE A 220 8.70 3.71 1.57
CA ILE A 220 7.97 4.81 0.89
C ILE A 220 7.23 5.67 1.88
N LEU A 221 6.53 5.06 2.86
CA LEU A 221 5.87 5.88 3.90
C LEU A 221 6.85 6.75 4.62
N ARG A 222 8.08 6.26 4.88
CA ARG A 222 9.05 7.05 5.66
C ARG A 222 9.44 8.33 4.96
N LEU A 223 9.25 8.43 3.63
CA LEU A 223 9.51 9.70 2.94
C LEU A 223 8.72 10.84 3.53
N ILE A 224 7.51 10.57 4.00
CA ILE A 224 6.66 11.65 4.54
C ILE A 224 7.39 12.40 5.66
N LEU A 225 8.18 11.66 6.43
CA LEU A 225 8.85 12.15 7.65
C LEU A 225 10.28 12.49 7.44
N SER A 226 10.82 12.25 6.24
CA SER A 226 12.13 12.65 5.74
C SER A 226 12.38 14.14 5.57
#